data_3GDJ
#
_entry.id   3GDJ
#
_cell.length_a   52.759
_cell.length_b   116.782
_cell.length_c   52.807
_cell.angle_alpha   90.00
_cell.angle_beta   120.07
_cell.angle_gamma   90.00
#
_symmetry.space_group_name_H-M   'P 1 21 1'
#
loop_
_entity.id
_entity.type
_entity.pdbx_description
1 polymer 'Hemoglobin subunit alpha'
2 polymer 'Hemoglobin subunit beta'
3 non-polymer 'PROTOPORPHYRIN IX CONTAINING FE'
4 water water
#
loop_
_entity_poly.entity_id
_entity_poly.type
_entity_poly.pdbx_seq_one_letter_code
_entity_poly.pdbx_strand_id
1 'polypeptide(L)'
;VLSSKDKTNVKTAFGKIGGHAAEYGAEALERMFLGFPTTKTYFPHFDLSHGSAQVKAHGKKVGDALTKAADHLDDLPSAL
SALSDLHAHKLRVDPVNFKLLSHCLLVTVAAHHPGDFTPSVHASLDKFLANVSTVLTSKYR
;
A,C
2 'polypeptide(L)'
;VHLSGDEKNAVHGLWSKVKVDEVGGEALGRLLVVYPWTRRFFESFGDLSTADAVMNNPKVKAHGSKVLNSFGDGLNHLDN
LKGTYAKLSELHCDKLHVDPENFRLLGNVLVVVLARHFGKEFTPDLQAAYQKVVAGVANALAHRYH
;
B,D
#
# COMPACT_ATOMS: atom_id res chain seq x y z
N VAL A 1 -3.00 -16.42 12.81
CA VAL A 1 -1.66 -15.87 13.14
C VAL A 1 -1.71 -14.87 14.30
N LEU A 2 -2.92 -14.69 14.85
CA LEU A 2 -3.16 -13.73 15.93
C LEU A 2 -2.67 -14.27 17.27
N SER A 3 -1.71 -13.56 17.86
CA SER A 3 -1.08 -13.93 19.12
C SER A 3 -2.12 -14.12 20.25
N SER A 4 -1.75 -14.89 21.28
CA SER A 4 -2.63 -15.12 22.42
C SER A 4 -2.87 -13.85 23.23
N LYS A 5 -1.84 -13.03 23.38
CA LYS A 5 -1.94 -11.71 24.02
C LYS A 5 -2.81 -10.75 23.19
N ASP A 6 -2.68 -10.85 21.87
CA ASP A 6 -3.50 -10.08 20.94
C ASP A 6 -4.95 -10.55 20.95
N LYS A 7 -5.14 -11.86 21.07
CA LYS A 7 -6.47 -12.43 21.27
C LYS A 7 -7.11 -11.89 22.55
N THR A 8 -6.29 -11.68 23.58
CA THR A 8 -6.77 -11.18 24.87
C THR A 8 -7.12 -9.69 24.82
N ASN A 9 -6.20 -8.87 24.32
CA ASN A 9 -6.41 -7.43 24.18
C ASN A 9 -7.59 -7.07 23.30
N VAL A 10 -7.83 -7.90 22.27
CA VAL A 10 -9.01 -7.77 21.42
C VAL A 10 -10.29 -8.13 22.20
N LYS A 11 -10.23 -9.22 22.98
CA LYS A 11 -11.38 -9.66 23.78
C LYS A 11 -11.80 -8.61 24.82
N THR A 12 -10.84 -8.12 25.61
CA THR A 12 -11.13 -7.05 26.57
C THR A 12 -11.69 -5.81 25.87
N ALA A 13 -11.00 -5.36 24.81
CA ALA A 13 -11.37 -4.15 24.07
C ALA A 13 -12.81 -4.14 23.58
N PHE A 14 -13.23 -5.24 22.95
CA PHE A 14 -14.62 -5.39 22.49
C PHE A 14 -15.58 -5.69 23.64
N GLY A 15 -15.01 -5.88 24.83
CA GLY A 15 -15.81 -5.99 26.05
C GLY A 15 -16.10 -4.60 26.62
N LYS A 16 -15.28 -3.63 26.22
CA LYS A 16 -15.53 -2.22 26.51
C LYS A 16 -16.56 -1.66 25.52
N ILE A 17 -16.40 -2.01 24.25
CA ILE A 17 -17.28 -1.54 23.17
C ILE A 17 -18.69 -2.14 23.28
N GLY A 18 -18.80 -3.45 23.01
CA GLY A 18 -20.07 -4.17 23.10
C GLY A 18 -21.19 -3.62 22.23
N GLY A 19 -22.06 -2.82 22.84
CA GLY A 19 -23.21 -2.24 22.15
C GLY A 19 -22.94 -0.86 21.59
N HIS A 20 -21.79 -0.29 21.94
CA HIS A 20 -21.28 0.93 21.32
C HIS A 20 -20.75 0.69 19.90
N ALA A 21 -20.66 -0.60 19.53
CA ALA A 21 -20.13 -1.03 18.24
C ALA A 21 -20.83 -0.41 17.05
N ALA A 22 -22.15 -0.29 17.15
CA ALA A 22 -22.99 0.36 16.15
C ALA A 22 -22.72 1.86 16.06
N GLU A 23 -22.51 2.49 17.21
CA GLU A 23 -22.21 3.92 17.30
C GLU A 23 -20.79 4.23 16.81
N TYR A 24 -19.87 3.29 17.03
CA TYR A 24 -18.50 3.44 16.54
C TYR A 24 -18.43 3.21 15.04
N GLY A 25 -19.20 2.24 14.57
CA GLY A 25 -19.30 1.95 13.13
C GLY A 25 -19.67 3.17 12.33
N ALA A 26 -20.75 3.83 12.74
CA ALA A 26 -21.27 5.01 12.05
C ALA A 26 -20.30 6.19 12.14
N GLU A 27 -19.74 6.44 13.32
CA GLU A 27 -18.73 7.48 13.47
C GLU A 27 -17.48 7.22 12.60
N ALA A 28 -16.99 5.98 12.59
CA ALA A 28 -15.82 5.58 11.78
C ALA A 28 -16.11 5.77 10.28
N LEU A 29 -17.32 5.42 9.86
CA LEU A 29 -17.81 5.69 8.51
C LEU A 29 -17.81 7.17 8.11
N GLU A 30 -18.26 8.07 8.99
CA GLU A 30 -18.24 9.51 8.72
C GLU A 30 -16.81 10.07 8.69
N ARG A 31 -16.01 9.68 9.68
CA ARG A 31 -14.60 10.00 9.69
C ARG A 31 -13.91 9.61 8.37
N MET A 32 -14.21 8.41 7.88
CA MET A 32 -13.69 7.99 6.57
C MET A 32 -14.23 8.78 5.35
N PHE A 33 -15.53 9.09 5.32
CA PHE A 33 -16.12 9.82 4.19
C PHE A 33 -15.58 11.25 4.12
N LEU A 34 -15.26 11.79 5.30
CA LEU A 34 -14.69 13.12 5.43
C LEU A 34 -13.16 13.13 5.30
N GLY A 35 -12.49 12.16 5.90
CA GLY A 35 -11.04 12.06 5.80
C GLY A 35 -10.55 11.65 4.44
N PHE A 36 -11.28 10.73 3.81
CA PHE A 36 -10.90 10.14 2.53
C PHE A 36 -12.13 10.13 1.56
N PRO A 37 -12.41 11.28 0.92
CA PRO A 37 -13.64 11.52 0.13
C PRO A 37 -13.84 10.54 -1.04
N THR A 38 -12.76 9.89 -1.49
CA THR A 38 -12.82 8.85 -2.52
C THR A 38 -13.73 7.68 -2.10
N THR A 39 -13.78 7.42 -0.79
CA THR A 39 -14.55 6.28 -0.24
C THR A 39 -16.07 6.48 -0.37
N LYS A 40 -16.50 7.74 -0.52
CA LYS A 40 -17.92 8.08 -0.67
C LYS A 40 -18.57 7.50 -1.94
N THR A 41 -17.79 7.37 -3.01
CA THR A 41 -18.32 6.91 -4.31
C THR A 41 -18.89 5.48 -4.27
N TYR A 42 -18.59 4.77 -3.19
CA TYR A 42 -19.16 3.44 -2.94
C TYR A 42 -20.57 3.47 -2.31
N PHE A 43 -21.04 4.64 -1.85
CA PHE A 43 -22.36 4.74 -1.21
C PHE A 43 -23.23 5.86 -1.79
N PRO A 44 -23.30 5.98 -3.13
CA PRO A 44 -24.05 7.11 -3.68
C PRO A 44 -25.55 7.00 -3.34
N HIS A 45 -25.96 5.80 -2.95
CA HIS A 45 -27.34 5.47 -2.61
C HIS A 45 -27.71 5.70 -1.13
N PHE A 46 -26.75 6.16 -0.33
CA PHE A 46 -26.99 6.52 1.07
C PHE A 46 -26.79 8.01 1.26
N ASP A 47 -27.65 8.63 2.05
CA ASP A 47 -27.38 9.94 2.62
C ASP A 47 -26.23 9.73 3.61
N LEU A 48 -25.11 10.43 3.39
CA LEU A 48 -23.90 10.25 4.20
C LEU A 48 -23.69 11.34 5.26
N SER A 49 -24.63 12.29 5.32
CA SER A 49 -24.61 13.34 6.36
C SER A 49 -24.62 12.77 7.77
N HIS A 50 -24.02 13.52 8.69
CA HIS A 50 -23.94 13.13 10.11
C HIS A 50 -25.30 12.74 10.68
N GLY A 51 -25.37 11.55 11.25
CA GLY A 51 -26.57 11.12 11.95
C GLY A 51 -27.73 10.65 11.08
N SER A 52 -27.50 10.57 9.77
CA SER A 52 -28.50 10.03 8.84
C SER A 52 -28.88 8.60 9.25
N ALA A 53 -30.12 8.23 8.97
CA ALA A 53 -30.62 6.90 9.29
C ALA A 53 -29.91 5.80 8.51
N GLN A 54 -29.35 6.15 7.35
CA GLN A 54 -28.65 5.17 6.54
C GLN A 54 -27.23 4.90 7.05
N VAL A 55 -26.46 5.96 7.33
CA VAL A 55 -25.13 5.80 7.95
C VAL A 55 -25.19 5.09 9.31
N LYS A 56 -26.20 5.43 10.12
CA LYS A 56 -26.44 4.74 11.40
C LYS A 56 -26.79 3.26 11.24
N ALA A 57 -27.69 2.95 10.30
CA ALA A 57 -28.08 1.58 10.04
C ALA A 57 -26.92 0.76 9.44
N HIS A 58 -26.15 1.37 8.53
CA HIS A 58 -24.98 0.69 7.98
C HIS A 58 -23.85 0.57 9.00
N GLY A 59 -23.69 1.61 9.82
CA GLY A 59 -22.76 1.57 10.95
C GLY A 59 -23.04 0.41 11.90
N LYS A 60 -24.31 0.09 12.11
CA LYS A 60 -24.68 -1.07 12.94
C LYS A 60 -24.25 -2.38 12.28
N LYS A 61 -24.52 -2.51 10.98
CA LYS A 61 -24.04 -3.64 10.18
C LYS A 61 -22.55 -3.91 10.36
N VAL A 62 -21.74 -2.86 10.19
CA VAL A 62 -20.27 -2.95 10.27
C VAL A 62 -19.79 -3.28 11.69
N GLY A 63 -20.36 -2.56 12.66
CA GLY A 63 -20.09 -2.80 14.09
C GLY A 63 -20.43 -4.20 14.56
N ASP A 64 -21.57 -4.73 14.12
CA ASP A 64 -21.98 -6.10 14.44
C ASP A 64 -21.10 -7.15 13.77
N ALA A 65 -20.59 -6.83 12.59
CA ALA A 65 -19.63 -7.71 11.91
C ALA A 65 -18.33 -7.81 12.70
N LEU A 66 -17.85 -6.68 13.20
CA LEU A 66 -16.60 -6.62 13.97
C LEU A 66 -16.76 -7.29 15.33
N THR A 67 -17.94 -7.10 15.93
CA THR A 67 -18.34 -7.81 17.14
C THR A 67 -18.23 -9.32 16.90
N LYS A 68 -18.88 -9.79 15.83
CA LYS A 68 -18.85 -11.21 15.45
C LYS A 68 -17.43 -11.72 15.17
N ALA A 69 -16.64 -10.92 14.46
CA ALA A 69 -15.25 -11.26 14.14
C ALA A 69 -14.42 -11.44 15.40
N ALA A 70 -14.64 -10.58 16.40
CA ALA A 70 -13.95 -10.62 17.69
C ALA A 70 -14.21 -11.92 18.45
N ASP A 71 -15.38 -12.50 18.22
CA ASP A 71 -15.80 -13.77 18.84
C ASP A 71 -15.41 -14.99 18.01
N HIS A 72 -14.87 -14.75 16.82
CA HIS A 72 -14.50 -15.81 15.88
C HIS A 72 -13.04 -15.67 15.39
N LEU A 73 -12.11 -15.44 16.32
CA LEU A 73 -10.73 -15.12 15.97
C LEU A 73 -9.93 -16.22 15.23
N ASP A 74 -10.27 -17.49 15.49
CA ASP A 74 -9.63 -18.63 14.82
C ASP A 74 -10.42 -19.06 13.59
N ASP A 75 -11.37 -18.22 13.19
CA ASP A 75 -12.44 -18.64 12.31
C ASP A 75 -12.88 -17.53 11.34
N LEU A 76 -12.07 -16.47 11.28
CA LEU A 76 -12.40 -15.25 10.51
C LEU A 76 -12.92 -15.48 9.08
N PRO A 77 -12.20 -16.26 8.24
CA PRO A 77 -12.69 -16.55 6.88
C PRO A 77 -14.13 -17.07 6.81
N SER A 78 -14.45 -18.07 7.64
CA SER A 78 -15.80 -18.63 7.69
C SER A 78 -16.77 -17.66 8.34
N ALA A 79 -16.33 -16.99 9.40
CA ALA A 79 -17.14 -15.98 10.10
C ALA A 79 -17.55 -14.83 9.18
N LEU A 80 -16.60 -14.38 8.36
CA LEU A 80 -16.85 -13.33 7.37
C LEU A 80 -16.86 -13.95 5.96
N SER A 81 -17.80 -14.88 5.74
CA SER A 81 -17.90 -15.64 4.49
C SER A 81 -18.67 -14.86 3.42
N ALA A 82 -19.90 -14.51 3.74
CA ALA A 82 -20.73 -13.71 2.84
C ALA A 82 -20.07 -12.36 2.52
N LEU A 83 -19.23 -11.88 3.44
CA LEU A 83 -18.64 -10.54 3.33
C LEU A 83 -17.44 -10.44 2.39
N SER A 84 -16.57 -11.45 2.41
CA SER A 84 -15.45 -11.56 1.49
C SER A 84 -15.93 -11.58 0.04
N ASP A 85 -16.91 -12.43 -0.21
CA ASP A 85 -17.59 -12.54 -1.49
C ASP A 85 -18.16 -11.18 -1.92
N LEU A 86 -18.95 -10.57 -1.03
CA LEU A 86 -19.63 -9.31 -1.32
C LEU A 86 -18.67 -8.17 -1.68
N HIS A 87 -17.65 -7.98 -0.86
CA HIS A 87 -16.73 -6.85 -1.02
C HIS A 87 -15.78 -6.97 -2.20
N ALA A 88 -15.53 -8.20 -2.66
CA ALA A 88 -14.66 -8.45 -3.81
C ALA A 88 -15.49 -8.61 -5.08
N HIS A 89 -16.27 -9.68 -5.14
CA HIS A 89 -17.02 -10.00 -6.35
C HIS A 89 -18.10 -8.99 -6.70
N LYS A 90 -18.84 -8.51 -5.69
CA LYS A 90 -20.01 -7.68 -5.94
C LYS A 90 -19.72 -6.18 -5.89
N LEU A 91 -19.08 -5.74 -4.80
CA LEU A 91 -18.82 -4.32 -4.56
C LEU A 91 -17.52 -3.80 -5.19
N ARG A 92 -16.63 -4.72 -5.58
CA ARG A 92 -15.29 -4.36 -6.10
C ARG A 92 -14.63 -3.28 -5.25
N VAL A 93 -14.58 -3.50 -3.94
CA VAL A 93 -13.97 -2.53 -3.05
C VAL A 93 -12.44 -2.62 -3.17
N ASP A 94 -11.85 -1.53 -3.63
CA ASP A 94 -10.40 -1.33 -3.69
C ASP A 94 -9.75 -1.71 -2.35
N PRO A 95 -8.76 -2.64 -2.36
CA PRO A 95 -8.02 -3.06 -1.17
C PRO A 95 -7.53 -1.92 -0.28
N VAL A 96 -7.12 -0.81 -0.89
CA VAL A 96 -6.64 0.35 -0.14
C VAL A 96 -7.69 0.85 0.88
N ASN A 97 -8.97 0.80 0.50
CA ASN A 97 -10.02 1.38 1.34
C ASN A 97 -10.23 0.75 2.73
N PHE A 98 -9.89 -0.53 2.87
CA PHE A 98 -9.98 -1.25 4.14
C PHE A 98 -8.97 -0.73 5.17
N LYS A 99 -7.80 -0.28 4.70
CA LYS A 99 -6.83 0.41 5.53
C LYS A 99 -7.33 1.76 6.06
N LEU A 100 -8.05 2.49 5.20
CA LEU A 100 -8.56 3.81 5.56
C LEU A 100 -9.67 3.70 6.62
N LEU A 101 -10.54 2.72 6.46
CA LEU A 101 -11.59 2.47 7.44
C LEU A 101 -11.02 1.91 8.74
N SER A 102 -9.99 1.06 8.64
CA SER A 102 -9.35 0.49 9.83
C SER A 102 -8.74 1.60 10.65
N HIS A 103 -8.06 2.53 9.96
CA HIS A 103 -7.54 3.75 10.59
C HIS A 103 -8.63 4.56 11.29
N CYS A 104 -9.76 4.76 10.60
CA CYS A 104 -10.86 5.57 11.15
C CYS A 104 -11.51 4.89 12.35
N LEU A 105 -11.58 3.56 12.32
CA LEU A 105 -12.00 2.76 13.46
C LEU A 105 -11.11 2.93 14.71
N LEU A 106 -9.79 2.94 14.49
CA LEU A 106 -8.81 3.21 15.57
C LEU A 106 -8.93 4.62 16.14
N VAL A 107 -9.10 5.62 15.28
CA VAL A 107 -9.33 7.01 15.71
C VAL A 107 -10.59 7.11 16.58
N THR A 108 -11.65 6.43 16.14
CA THR A 108 -12.93 6.40 16.85
C THR A 108 -12.80 5.77 18.25
N VAL A 109 -12.15 4.60 18.32
CA VAL A 109 -11.90 3.90 19.60
C VAL A 109 -11.07 4.76 20.55
N ALA A 110 -9.96 5.30 20.07
CA ALA A 110 -9.09 6.21 20.83
C ALA A 110 -9.82 7.43 21.38
N ALA A 111 -10.67 8.03 20.55
CA ALA A 111 -11.44 9.23 20.91
C ALA A 111 -12.47 8.98 22.01
N HIS A 112 -12.93 7.73 22.14
CA HIS A 112 -13.92 7.34 23.15
C HIS A 112 -13.33 6.63 24.37
N HIS A 113 -12.17 6.01 24.20
CA HIS A 113 -11.53 5.25 25.28
C HIS A 113 -10.07 5.65 25.44
N PRO A 114 -9.81 6.90 25.89
CA PRO A 114 -8.42 7.34 25.95
C PRO A 114 -7.58 6.60 26.99
N GLY A 115 -8.21 6.23 28.11
CA GLY A 115 -7.54 5.53 29.19
C GLY A 115 -7.24 4.08 28.85
N ASP A 116 -8.10 3.49 28.02
CA ASP A 116 -7.94 2.07 27.69
C ASP A 116 -7.18 1.85 26.38
N PHE A 117 -6.96 2.90 25.60
CA PHE A 117 -6.29 2.77 24.31
C PHE A 117 -4.78 2.92 24.51
N THR A 118 -4.21 1.97 25.24
CA THR A 118 -2.77 1.89 25.48
C THR A 118 -2.02 1.57 24.16
N PRO A 119 -0.69 1.84 24.11
CA PRO A 119 0.08 1.44 22.94
C PRO A 119 -0.07 -0.04 22.60
N SER A 120 -0.15 -0.89 23.62
CA SER A 120 -0.37 -2.34 23.44
C SER A 120 -1.73 -2.70 22.84
N VAL A 121 -2.79 -2.05 23.31
CA VAL A 121 -4.15 -2.33 22.80
C VAL A 121 -4.32 -1.77 21.38
N HIS A 122 -3.81 -0.56 21.17
CA HIS A 122 -3.63 0.04 19.86
C HIS A 122 -3.05 -1.01 18.90
N ALA A 123 -1.89 -1.57 19.27
CA ALA A 123 -1.19 -2.56 18.44
C ALA A 123 -2.04 -3.79 18.11
N SER A 124 -2.69 -4.37 19.13
CA SER A 124 -3.51 -5.57 18.98
C SER A 124 -4.74 -5.31 18.11
N LEU A 125 -5.39 -4.17 18.33
CA LEU A 125 -6.54 -3.77 17.54
C LEU A 125 -6.17 -3.50 16.08
N ASP A 126 -4.99 -2.93 15.87
CA ASP A 126 -4.47 -2.75 14.51
C ASP A 126 -4.32 -4.11 13.84
N LYS A 127 -3.77 -5.08 14.57
CA LYS A 127 -3.60 -6.45 14.06
C LYS A 127 -4.93 -7.16 13.80
N PHE A 128 -5.90 -6.96 14.70
CA PHE A 128 -7.24 -7.52 14.52
C PHE A 128 -7.88 -7.00 13.25
N LEU A 129 -7.82 -5.68 13.05
CA LEU A 129 -8.39 -5.04 11.88
C LEU A 129 -7.63 -5.39 10.60
N ALA A 130 -6.33 -5.61 10.72
CA ALA A 130 -5.50 -6.06 9.59
C ALA A 130 -5.92 -7.44 9.08
N ASN A 131 -6.22 -8.35 10.02
CA ASN A 131 -6.77 -9.67 9.69
C ASN A 131 -8.17 -9.65 9.09
N VAL A 132 -9.04 -8.75 9.58
CA VAL A 132 -10.37 -8.59 9.01
C VAL A 132 -10.23 -8.09 7.57
N SER A 133 -9.38 -7.06 7.39
CA SER A 133 -9.07 -6.51 6.07
C SER A 133 -8.58 -7.58 5.11
N THR A 134 -7.62 -8.39 5.57
CA THR A 134 -7.07 -9.51 4.78
C THR A 134 -8.17 -10.44 4.27
N VAL A 135 -9.03 -10.86 5.20
CA VAL A 135 -10.16 -11.74 4.90
C VAL A 135 -11.11 -11.11 3.88
N LEU A 136 -11.44 -9.83 4.09
CA LEU A 136 -12.36 -9.13 3.22
C LEU A 136 -11.81 -8.88 1.82
N THR A 137 -10.47 -8.87 1.69
CA THR A 137 -9.79 -8.75 0.39
C THR A 137 -9.38 -10.09 -0.25
N SER A 138 -9.64 -11.21 0.44
CA SER A 138 -9.06 -12.52 0.09
C SER A 138 -9.54 -13.16 -1.22
N LYS A 139 -10.75 -12.79 -1.66
CA LYS A 139 -11.29 -13.30 -2.91
C LYS A 139 -10.69 -12.63 -4.17
N TYR A 140 -9.82 -11.65 -3.95
CA TYR A 140 -8.96 -11.13 -5.01
C TYR A 140 -7.72 -12.02 -5.19
N ARG A 141 -7.51 -12.92 -4.21
CA ARG A 141 -6.34 -13.79 -4.15
C ARG A 141 -6.70 -15.28 -4.23
N VAL B 1 -1.45 21.50 -0.43
CA VAL B 1 -2.68 21.27 0.36
C VAL B 1 -3.58 22.50 0.31
N HIS B 2 -4.90 22.29 0.26
CA HIS B 2 -5.82 23.43 0.41
C HIS B 2 -6.78 23.25 1.57
N LEU B 3 -6.50 23.99 2.63
CA LEU B 3 -7.41 24.07 3.77
C LEU B 3 -8.21 25.35 3.66
N SER B 4 -9.51 25.27 3.92
CA SER B 4 -10.36 26.45 4.00
C SER B 4 -9.92 27.33 5.18
N GLY B 5 -10.32 28.60 5.16
CA GLY B 5 -10.05 29.51 6.28
C GLY B 5 -10.45 28.92 7.62
N ASP B 6 -11.67 28.38 7.66
CA ASP B 6 -12.19 27.71 8.85
C ASP B 6 -11.35 26.51 9.29
N GLU B 7 -10.87 25.73 8.32
CA GLU B 7 -10.04 24.56 8.58
C GLU B 7 -8.67 24.94 9.16
N LYS B 8 -8.03 25.93 8.55
CA LYS B 8 -6.78 26.50 9.05
C LYS B 8 -6.88 26.96 10.50
N ASN B 9 -7.97 27.65 10.83
CA ASN B 9 -8.21 28.15 12.19
C ASN B 9 -8.41 26.99 13.17
N ALA B 10 -9.21 26.01 12.77
CA ALA B 10 -9.43 24.80 13.57
C ALA B 10 -8.13 24.02 13.85
N VAL B 11 -7.28 23.90 12.82
CA VAL B 11 -6.04 23.14 12.93
C VAL B 11 -5.02 23.84 13.84
N HIS B 12 -4.80 25.14 13.60
CA HIS B 12 -3.90 25.93 14.46
C HIS B 12 -4.38 26.04 15.90
N GLY B 13 -5.70 26.18 16.08
CA GLY B 13 -6.32 26.22 17.40
C GLY B 13 -6.10 24.93 18.17
N LEU B 14 -6.21 23.80 17.49
CA LEU B 14 -6.00 22.49 18.12
C LEU B 14 -4.52 22.27 18.47
N TRP B 15 -3.64 22.77 17.60
CA TRP B 15 -2.19 22.59 17.74
C TRP B 15 -1.56 23.42 18.84
N SER B 16 -2.14 24.59 19.10
CA SER B 16 -1.73 25.43 20.23
C SER B 16 -1.93 24.73 21.56
N LYS B 17 -2.83 23.75 21.57
CA LYS B 17 -3.14 22.94 22.74
C LYS B 17 -2.32 21.65 22.89
N VAL B 18 -1.80 21.08 21.80
CA VAL B 18 -1.03 19.82 21.89
C VAL B 18 0.16 19.98 22.86
N LYS B 19 0.36 18.98 23.71
CA LYS B 19 1.50 19.01 24.63
C LYS B 19 2.76 18.54 23.91
N VAL B 20 3.57 19.52 23.52
CA VAL B 20 4.70 19.35 22.62
C VAL B 20 5.75 18.33 23.05
N ASP B 21 6.00 18.23 24.36
CA ASP B 21 6.95 17.26 24.89
C ASP B 21 6.40 15.83 25.02
N GLU B 22 5.10 15.65 24.79
CA GLU B 22 4.41 14.38 25.05
C GLU B 22 3.87 13.69 23.78
N VAL B 23 3.19 14.46 22.94
CA VAL B 23 2.43 13.94 21.78
C VAL B 23 3.33 13.37 20.67
N GLY B 24 4.40 14.10 20.33
CA GLY B 24 5.43 13.62 19.40
C GLY B 24 6.13 12.36 19.86
N GLY B 25 6.52 12.32 21.13
CA GLY B 25 7.07 11.11 21.74
C GLY B 25 6.11 9.93 21.75
N GLU B 26 4.84 10.18 22.09
CA GLU B 26 3.81 9.15 22.04
C GLU B 26 3.54 8.66 20.60
N ALA B 27 3.55 9.57 19.63
CA ALA B 27 3.33 9.23 18.21
C ALA B 27 4.49 8.43 17.60
N LEU B 28 5.73 8.83 17.87
CA LEU B 28 6.88 8.02 17.45
C LEU B 28 6.82 6.64 18.12
N GLY B 29 6.58 6.65 19.44
CA GLY B 29 6.51 5.42 20.25
C GLY B 29 5.49 4.42 19.75
N ARG B 30 4.25 4.87 19.57
CA ARG B 30 3.19 4.02 19.00
C ARG B 30 3.54 3.43 17.64
N LEU B 31 4.10 4.24 16.73
CA LEU B 31 4.53 3.75 15.39
C LEU B 31 5.49 2.55 15.53
N LEU B 32 6.45 2.71 16.42
CA LEU B 32 7.47 1.71 16.70
C LEU B 32 6.88 0.46 17.33
N VAL B 33 5.86 0.57 18.20
CA VAL B 33 5.23 -0.65 18.74
C VAL B 33 4.22 -1.28 17.78
N VAL B 34 3.48 -0.45 17.06
CA VAL B 34 2.44 -0.96 16.16
C VAL B 34 3.02 -1.48 14.84
N TYR B 35 4.08 -0.84 14.33
CA TYR B 35 4.70 -1.29 13.08
C TYR B 35 6.19 -1.61 13.30
N PRO B 36 6.47 -2.83 13.78
CA PRO B 36 7.78 -3.19 14.34
C PRO B 36 8.98 -3.08 13.38
N TRP B 37 8.72 -3.04 12.07
CA TRP B 37 9.79 -2.95 11.07
C TRP B 37 10.43 -1.56 11.08
N THR B 38 9.67 -0.55 11.49
CA THR B 38 10.21 0.82 11.64
C THR B 38 11.37 0.91 12.66
N ARG B 39 11.44 -0.01 13.61
CA ARG B 39 12.53 -0.07 14.60
C ARG B 39 13.89 -0.25 13.92
N ARG B 40 13.86 -0.84 12.71
CA ARG B 40 15.04 -0.94 11.87
C ARG B 40 15.84 0.36 11.75
N PHE B 41 15.15 1.49 11.73
CA PHE B 41 15.81 2.79 11.52
C PHE B 41 16.35 3.46 12.80
N PHE B 42 16.11 2.85 13.95
CA PHE B 42 16.44 3.50 15.23
C PHE B 42 17.28 2.61 16.14
N GLU B 43 18.24 1.90 15.56
CA GLU B 43 18.96 0.86 16.29
C GLU B 43 19.88 1.40 17.41
N SER B 44 20.29 2.67 17.33
CA SER B 44 21.04 3.33 18.40
C SER B 44 20.16 3.79 19.61
N PHE B 45 18.84 3.68 19.44
CA PHE B 45 17.88 4.05 20.49
C PHE B 45 17.76 2.95 21.56
N GLY B 46 18.50 1.87 21.38
CA GLY B 46 18.51 0.75 22.33
C GLY B 46 17.24 -0.08 22.30
N ASP B 47 16.74 -0.44 23.48
CA ASP B 47 15.62 -1.35 23.62
C ASP B 47 14.32 -0.77 23.06
N LEU B 48 13.72 -1.50 22.12
CA LEU B 48 12.44 -1.17 21.53
C LEU B 48 11.58 -2.44 21.36
N SER B 49 11.89 -3.48 22.12
CA SER B 49 11.27 -4.81 21.97
C SER B 49 9.83 -4.91 22.51
N THR B 50 9.48 -4.07 23.48
CA THR B 50 8.15 -4.08 24.06
C THR B 50 7.58 -2.67 24.11
N ALA B 51 6.28 -2.55 24.38
CA ALA B 51 5.61 -1.26 24.50
C ALA B 51 6.17 -0.45 25.68
N ASP B 52 6.42 -1.14 26.80
CA ASP B 52 7.00 -0.51 27.98
C ASP B 52 8.38 0.06 27.68
N ALA B 53 9.19 -0.70 26.94
CA ALA B 53 10.52 -0.26 26.56
C ALA B 53 10.50 1.00 25.68
N VAL B 54 9.68 0.97 24.62
CA VAL B 54 9.53 2.09 23.69
C VAL B 54 8.99 3.34 24.38
N MET B 55 7.99 3.15 25.23
CA MET B 55 7.24 4.27 25.82
C MET B 55 7.92 4.91 27.04
N ASN B 56 9.00 4.28 27.50
CA ASN B 56 9.83 4.81 28.60
C ASN B 56 11.29 4.99 28.16
N ASN B 57 11.45 5.32 26.87
CA ASN B 57 12.74 5.49 26.23
C ASN B 57 12.94 6.98 25.92
N PRO B 58 13.94 7.62 26.59
CA PRO B 58 14.23 9.05 26.47
C PRO B 58 14.65 9.49 25.07
N LYS B 59 15.35 8.64 24.34
CA LYS B 59 15.75 8.98 22.98
C LYS B 59 14.54 9.00 22.03
N VAL B 60 13.60 8.10 22.24
CA VAL B 60 12.32 8.15 21.51
C VAL B 60 11.54 9.44 21.81
N LYS B 61 11.55 9.85 23.08
CA LYS B 61 10.90 11.11 23.50
C LYS B 61 11.57 12.35 22.90
N ALA B 62 12.89 12.45 23.03
CA ALA B 62 13.65 13.55 22.43
C ALA B 62 13.44 13.64 20.92
N HIS B 63 13.45 12.49 20.24
CA HIS B 63 13.26 12.46 18.80
C HIS B 63 11.82 12.72 18.37
N GLY B 64 10.85 12.25 19.15
CA GLY B 64 9.44 12.54 18.88
C GLY B 64 9.15 14.02 18.97
N SER B 65 9.72 14.68 19.97
CA SER B 65 9.64 16.12 20.14
C SER B 65 10.10 16.89 18.91
N LYS B 66 11.27 16.54 18.37
CA LYS B 66 11.79 17.15 17.14
C LYS B 66 10.92 16.82 15.90
N VAL B 67 10.29 15.66 15.92
CA VAL B 67 9.36 15.27 14.85
C VAL B 67 8.08 16.11 14.93
N LEU B 68 7.59 16.32 16.15
CA LEU B 68 6.38 17.12 16.36
C LEU B 68 6.63 18.58 15.98
N ASN B 69 7.80 19.10 16.33
CA ASN B 69 8.20 20.46 15.92
C ASN B 69 8.30 20.64 14.39
N SER B 70 8.78 19.59 13.71
CA SER B 70 8.88 19.56 12.24
C SER B 70 7.50 19.57 11.56
N PHE B 71 6.54 18.84 12.12
CA PHE B 71 5.14 18.94 11.70
C PHE B 71 4.60 20.34 11.90
N GLY B 72 5.05 20.99 12.97
CA GLY B 72 4.64 22.35 13.31
C GLY B 72 5.13 23.35 12.28
N ASP B 73 6.38 23.17 11.83
CA ASP B 73 6.96 23.92 10.72
C ASP B 73 6.07 23.85 9.48
N GLY B 74 5.56 22.65 9.21
CA GLY B 74 4.69 22.41 8.05
C GLY B 74 3.37 23.15 8.19
N LEU B 75 2.84 23.18 9.41
CA LEU B 75 1.63 23.93 9.74
C LEU B 75 1.72 25.42 9.43
N ASN B 76 2.89 26.01 9.68
CA ASN B 76 3.13 27.41 9.38
C ASN B 76 3.69 27.70 7.99
N HIS B 77 3.73 26.67 7.15
CA HIS B 77 4.15 26.83 5.76
C HIS B 77 3.35 25.88 4.86
N LEU B 78 2.05 25.80 5.11
CA LEU B 78 1.16 24.90 4.35
C LEU B 78 1.17 25.21 2.86
N ASP B 79 1.50 26.46 2.55
CA ASP B 79 1.75 26.97 1.21
C ASP B 79 2.94 26.30 0.52
N ASN B 80 3.99 26.04 1.29
CA ASN B 80 5.24 25.51 0.76
C ASN B 80 5.79 24.36 1.62
N LEU B 81 5.13 23.22 1.54
CA LEU B 81 5.59 22.03 2.23
C LEU B 81 6.83 21.46 1.55
N LYS B 82 6.84 21.48 0.22
CA LYS B 82 7.95 20.95 -0.57
C LYS B 82 9.30 21.56 -0.16
N GLY B 83 9.33 22.90 -0.10
CA GLY B 83 10.53 23.64 0.30
C GLY B 83 10.89 23.49 1.77
N THR B 84 9.85 23.41 2.62
CA THR B 84 10.01 23.17 4.07
C THR B 84 10.68 21.82 4.35
N TYR B 85 10.25 20.80 3.60
CA TYR B 85 10.71 19.43 3.83
C TYR B 85 11.82 18.95 2.88
N ALA B 86 12.35 19.85 2.06
CA ALA B 86 13.33 19.50 1.02
C ALA B 86 14.61 18.81 1.54
N LYS B 87 15.29 19.44 2.51
CA LYS B 87 16.48 18.84 3.15
C LYS B 87 16.16 17.55 3.92
N LEU B 88 15.07 17.55 4.68
CA LEU B 88 14.63 16.36 5.41
C LEU B 88 14.28 15.22 4.45
N SER B 89 13.75 15.57 3.28
CA SER B 89 13.56 14.63 2.18
C SER B 89 14.90 13.99 1.79
N GLU B 90 15.92 14.80 1.52
CA GLU B 90 17.26 14.26 1.26
C GLU B 90 17.67 13.26 2.35
N LEU B 91 17.61 13.69 3.62
CA LEU B 91 17.94 12.83 4.77
C LEU B 91 17.16 11.49 4.79
N HIS B 92 15.84 11.57 4.66
CA HIS B 92 14.97 10.40 4.81
C HIS B 92 15.02 9.48 3.59
N CYS B 93 15.21 10.07 2.42
CA CYS B 93 15.20 9.33 1.19
C CYS B 93 16.60 8.92 0.73
N ASP B 94 17.49 9.89 0.52
CA ASP B 94 18.84 9.61 0.01
C ASP B 94 19.76 8.96 1.04
N LYS B 95 19.54 9.28 2.31
CA LYS B 95 20.47 8.88 3.36
C LYS B 95 19.99 7.66 4.15
N LEU B 96 18.74 7.69 4.59
CA LEU B 96 18.18 6.63 5.44
C LEU B 96 17.41 5.57 4.66
N HIS B 97 16.94 5.93 3.46
CA HIS B 97 16.15 5.05 2.61
C HIS B 97 14.91 4.49 3.32
N VAL B 98 14.15 5.39 3.91
CA VAL B 98 12.86 5.06 4.50
C VAL B 98 11.85 4.99 3.36
N ASP B 99 11.16 3.87 3.24
CA ASP B 99 10.11 3.75 2.24
C ASP B 99 9.05 4.77 2.58
N PRO B 100 8.62 5.56 1.58
CA PRO B 100 7.66 6.66 1.75
C PRO B 100 6.34 6.25 2.40
N GLU B 101 5.96 4.99 2.32
CA GLU B 101 4.71 4.50 2.95
C GLU B 101 4.67 4.77 4.45
N ASN B 102 5.83 4.67 5.11
CA ASN B 102 5.98 4.92 6.54
C ASN B 102 5.72 6.35 6.96
N PHE B 103 5.88 7.28 6.02
CA PHE B 103 5.53 8.69 6.26
C PHE B 103 4.01 8.81 6.41
N ARG B 104 3.28 8.05 5.59
CA ARG B 104 1.82 8.01 5.66
C ARG B 104 1.34 7.41 7.00
N LEU B 105 1.99 6.32 7.43
CA LEU B 105 1.63 5.62 8.65
C LEU B 105 1.90 6.46 9.92
N LEU B 106 3.03 7.17 9.95
CA LEU B 106 3.34 8.07 11.08
C LEU B 106 2.40 9.27 11.13
N GLY B 107 1.96 9.72 9.96
CA GLY B 107 0.96 10.78 9.85
C GLY B 107 -0.35 10.36 10.47
N ASN B 108 -0.79 9.15 10.15
CA ASN B 108 -2.03 8.63 10.70
C ASN B 108 -1.95 8.25 12.19
N VAL B 109 -0.74 7.88 12.64
CA VAL B 109 -0.49 7.58 14.03
C VAL B 109 -0.59 8.84 14.90
N LEU B 110 -0.09 9.96 14.38
CA LEU B 110 -0.23 11.23 15.05
C LEU B 110 -1.71 11.58 15.14
N VAL B 111 -2.45 11.30 14.06
CA VAL B 111 -3.90 11.55 14.01
C VAL B 111 -4.65 10.77 15.08
N VAL B 112 -4.33 9.48 15.28
CA VAL B 112 -4.98 8.73 16.35
C VAL B 112 -4.52 9.21 17.76
N VAL B 113 -3.28 9.69 17.88
CA VAL B 113 -2.79 10.28 19.16
C VAL B 113 -3.50 11.61 19.49
N LEU B 114 -3.74 12.44 18.47
CA LEU B 114 -4.57 13.63 18.64
C LEU B 114 -6.00 13.28 19.10
N ALA B 115 -6.57 12.23 18.52
CA ALA B 115 -7.88 11.70 18.94
C ALA B 115 -7.90 11.25 20.40
N ARG B 116 -6.85 10.54 20.80
CA ARG B 116 -6.71 10.04 22.16
C ARG B 116 -6.65 11.21 23.15
N HIS B 117 -5.93 12.27 22.78
CA HIS B 117 -5.73 13.42 23.64
C HIS B 117 -6.93 14.38 23.74
N PHE B 118 -7.68 14.53 22.66
CA PHE B 118 -8.74 15.54 22.58
C PHE B 118 -10.19 15.04 22.62
N GLY B 119 -10.36 13.72 22.52
CA GLY B 119 -11.67 13.08 22.59
C GLY B 119 -12.66 13.59 21.56
N LYS B 120 -13.81 14.07 22.05
CA LYS B 120 -14.88 14.68 21.25
C LYS B 120 -14.43 15.92 20.47
N GLU B 121 -13.47 16.67 21.02
CA GLU B 121 -12.94 17.87 20.37
C GLU B 121 -12.31 17.54 19.02
N PHE B 122 -11.76 16.34 18.89
CA PHE B 122 -11.23 15.85 17.61
C PHE B 122 -12.36 15.28 16.76
N THR B 123 -13.21 16.17 16.25
CA THR B 123 -14.40 15.78 15.50
C THR B 123 -14.04 15.11 14.14
N PRO B 124 -15.04 14.47 13.48
CA PRO B 124 -14.86 14.05 12.09
C PRO B 124 -14.32 15.15 11.16
N ASP B 125 -14.82 16.37 11.32
CA ASP B 125 -14.39 17.52 10.52
C ASP B 125 -12.94 17.94 10.77
N LEU B 126 -12.54 18.00 12.03
CA LEU B 126 -11.18 18.40 12.36
C LEU B 126 -10.15 17.34 11.93
N GLN B 127 -10.51 16.06 12.12
CA GLN B 127 -9.71 14.96 11.62
C GLN B 127 -9.43 15.11 10.12
N ALA B 128 -10.49 15.34 9.34
CA ALA B 128 -10.42 15.49 7.88
C ALA B 128 -9.43 16.56 7.43
N ALA B 129 -9.42 17.69 8.14
CA ALA B 129 -8.45 18.75 7.90
C ALA B 129 -7.03 18.32 8.27
N TYR B 130 -6.89 17.58 9.38
CA TYR B 130 -5.61 16.99 9.77
C TYR B 130 -5.16 15.86 8.83
N GLN B 131 -6.10 15.17 8.20
CA GLN B 131 -5.76 14.24 7.12
C GLN B 131 -5.13 14.97 5.92
N LYS B 132 -5.66 16.15 5.60
CA LYS B 132 -5.06 16.97 4.54
C LYS B 132 -3.61 17.33 4.87
N VAL B 133 -3.36 17.74 6.12
CA VAL B 133 -2.02 18.16 6.53
C VAL B 133 -1.02 17.00 6.49
N VAL B 134 -1.34 15.87 7.11
CA VAL B 134 -0.40 14.74 7.16
C VAL B 134 -0.12 14.12 5.79
N ALA B 135 -1.13 14.12 4.91
CA ALA B 135 -0.95 13.69 3.52
C ALA B 135 0.02 14.61 2.78
N GLY B 136 -0.03 15.90 3.10
CA GLY B 136 0.83 16.89 2.50
C GLY B 136 2.25 16.80 3.01
N VAL B 137 2.39 16.58 4.33
CA VAL B 137 3.71 16.37 4.93
C VAL B 137 4.38 15.12 4.36
N ALA B 138 3.65 14.02 4.28
CA ALA B 138 4.17 12.74 3.77
C ALA B 138 4.69 12.86 2.34
N ASN B 139 3.87 13.47 1.46
CA ASN B 139 4.24 13.66 0.07
C ASN B 139 5.41 14.63 -0.17
N ALA B 140 5.49 15.66 0.67
CA ALA B 140 6.63 16.58 0.65
C ALA B 140 7.94 15.89 1.08
N LEU B 141 7.84 14.99 2.05
CA LEU B 141 8.98 14.23 2.54
C LEU B 141 9.43 13.13 1.59
N ALA B 142 8.49 12.67 0.77
CA ALA B 142 8.75 11.65 -0.24
C ALA B 142 9.25 12.23 -1.57
N HIS B 143 9.47 13.55 -1.62
CA HIS B 143 9.74 14.23 -2.88
C HIS B 143 10.97 13.74 -3.67
N ARG B 144 11.99 13.27 -2.95
CA ARG B 144 13.19 12.70 -3.59
C ARG B 144 12.90 11.36 -4.30
N TYR B 145 11.80 10.72 -3.90
CA TYR B 145 11.24 9.62 -4.69
C TYR B 145 10.19 10.22 -5.60
N HIS B 146 9.15 10.78 -4.98
CA HIS B 146 8.07 11.55 -5.63
C HIS B 146 6.97 11.90 -4.63
N VAL C 1 -5.30 -19.43 0.36
CA VAL C 1 -5.47 -20.51 -0.66
C VAL C 1 -5.97 -19.97 -2.01
N LEU C 2 -5.58 -20.66 -3.09
CA LEU C 2 -5.95 -20.28 -4.46
C LEU C 2 -7.06 -21.17 -5.03
N SER C 3 -7.75 -20.65 -6.04
CA SER C 3 -8.85 -21.34 -6.71
C SER C 3 -8.34 -22.48 -7.61
N SER C 4 -9.24 -23.37 -8.01
CA SER C 4 -8.92 -24.39 -9.03
C SER C 4 -9.11 -23.81 -10.43
N LYS C 5 -8.20 -24.16 -11.34
CA LYS C 5 -8.04 -23.50 -12.66
C LYS C 5 -7.20 -22.23 -12.48
N ASP C 6 -6.47 -22.22 -11.37
CA ASP C 6 -5.62 -21.11 -10.93
C ASP C 6 -4.54 -21.76 -10.07
N LYS C 7 -4.95 -22.77 -9.30
CA LYS C 7 -4.06 -23.69 -8.59
C LYS C 7 -3.28 -24.49 -9.63
N THR C 8 -3.93 -24.74 -10.76
CA THR C 8 -3.35 -25.45 -11.89
C THR C 8 -2.35 -24.57 -12.65
N ASN C 9 -2.75 -23.34 -12.95
CA ASN C 9 -1.89 -22.39 -13.68
C ASN C 9 -0.57 -22.10 -12.98
N VAL C 10 -0.58 -22.11 -11.64
CA VAL C 10 0.62 -21.95 -10.84
C VAL C 10 1.60 -23.13 -11.07
N LYS C 11 1.12 -24.35 -10.83
CA LYS C 11 1.92 -25.57 -10.94
C LYS C 11 2.47 -25.83 -12.35
N THR C 12 1.64 -25.57 -13.36
CA THR C 12 2.09 -25.64 -14.76
C THR C 12 3.21 -24.64 -15.02
N ALA C 13 2.96 -23.37 -14.69
CA ALA C 13 3.92 -22.27 -14.89
C ALA C 13 5.29 -22.54 -14.30
N PHE C 14 5.32 -23.13 -13.10
CA PHE C 14 6.58 -23.48 -12.45
C PHE C 14 7.27 -24.66 -13.13
N GLY C 15 6.51 -25.45 -13.86
CA GLY C 15 7.05 -26.51 -14.72
C GLY C 15 7.54 -25.93 -16.04
N LYS C 16 6.76 -25.00 -16.59
CA LYS C 16 7.14 -24.24 -17.79
C LYS C 16 8.30 -23.29 -17.49
N ILE C 17 8.45 -22.89 -16.23
CA ILE C 17 9.66 -22.24 -15.74
C ILE C 17 10.74 -23.32 -15.58
N GLY C 18 10.36 -24.42 -14.92
CA GLY C 18 11.27 -25.51 -14.63
C GLY C 18 12.25 -25.15 -13.54
N GLY C 19 13.50 -25.59 -13.70
CA GLY C 19 14.57 -25.31 -12.74
C GLY C 19 15.31 -24.02 -13.06
N HIS C 20 14.61 -23.11 -13.71
CA HIS C 20 15.11 -21.75 -13.96
C HIS C 20 14.83 -20.80 -12.79
N ALA C 21 14.20 -21.34 -11.74
CA ALA C 21 13.79 -20.54 -10.58
C ALA C 21 14.98 -19.87 -9.88
N ALA C 22 16.12 -20.56 -9.85
CA ALA C 22 17.37 -20.03 -9.29
C ALA C 22 17.94 -18.86 -10.09
N GLU C 23 17.77 -18.91 -11.41
CA GLU C 23 18.26 -17.86 -12.32
C GLU C 23 17.31 -16.66 -12.29
N TYR C 24 16.01 -16.96 -12.25
CA TYR C 24 14.97 -15.92 -12.21
C TYR C 24 14.97 -15.23 -10.86
N GLY C 25 15.33 -15.98 -9.81
CA GLY C 25 15.50 -15.43 -8.48
C GLY C 25 16.53 -14.30 -8.46
N ALA C 26 17.74 -14.60 -8.95
CA ALA C 26 18.83 -13.64 -8.94
C ALA C 26 18.58 -12.43 -9.84
N GLU C 27 18.01 -12.67 -11.03
CA GLU C 27 17.61 -11.59 -11.93
C GLU C 27 16.56 -10.65 -11.33
N ALA C 28 15.53 -11.22 -10.69
CA ALA C 28 14.47 -10.43 -10.04
C ALA C 28 15.06 -9.56 -8.93
N LEU C 29 15.95 -10.14 -8.13
CA LEU C 29 16.72 -9.40 -7.12
C LEU C 29 17.42 -8.18 -7.71
N GLU C 30 18.23 -8.37 -8.76
CA GLU C 30 18.92 -7.28 -9.43
C GLU C 30 17.94 -6.24 -10.01
N ARG C 31 16.88 -6.72 -10.64
CA ARG C 31 15.81 -5.80 -11.09
C ARG C 31 15.23 -4.98 -9.94
N MET C 32 15.03 -5.60 -8.78
CA MET C 32 14.59 -4.91 -7.57
C MET C 32 15.61 -3.88 -7.03
N PHE C 33 16.89 -4.28 -6.94
CA PHE C 33 17.91 -3.38 -6.40
C PHE C 33 18.07 -2.14 -7.27
N LEU C 34 18.02 -2.34 -8.59
CA LEU C 34 18.18 -1.27 -9.55
C LEU C 34 16.91 -0.43 -9.69
N GLY C 35 15.76 -1.09 -9.72
CA GLY C 35 14.47 -0.39 -9.92
C GLY C 35 13.99 0.33 -8.69
N PHE C 36 14.36 -0.20 -7.52
CA PHE C 36 13.93 0.31 -6.22
C PHE C 36 15.15 0.35 -5.25
N PRO C 37 16.03 1.35 -5.40
CA PRO C 37 17.31 1.40 -4.65
C PRO C 37 17.20 1.32 -3.13
N THR C 38 16.03 1.69 -2.57
CA THR C 38 15.78 1.52 -1.14
C THR C 38 15.98 0.08 -0.66
N THR C 39 15.64 -0.88 -1.54
CA THR C 39 15.68 -2.31 -1.19
C THR C 39 17.10 -2.84 -0.96
N LYS C 40 18.09 -2.09 -1.44
CA LYS C 40 19.51 -2.46 -1.32
C LYS C 40 20.06 -2.38 0.10
N THR C 41 19.46 -1.54 0.95
CA THR C 41 19.94 -1.34 2.33
C THR C 41 19.78 -2.59 3.21
N TYR C 42 19.03 -3.57 2.73
CA TYR C 42 18.86 -4.84 3.43
C TYR C 42 19.99 -5.83 3.14
N PHE C 43 20.83 -5.51 2.16
CA PHE C 43 21.94 -6.38 1.78
C PHE C 43 23.28 -5.64 1.71
N PRO C 44 23.64 -4.89 2.77
CA PRO C 44 24.93 -4.19 2.68
C PRO C 44 26.09 -5.19 2.81
N HIS C 45 25.78 -6.40 3.24
CA HIS C 45 26.77 -7.45 3.43
C HIS C 45 27.04 -8.28 2.14
N PHE C 46 26.13 -8.18 1.17
CA PHE C 46 26.25 -8.85 -0.13
C PHE C 46 26.76 -7.89 -1.21
N ASP C 47 27.62 -8.38 -2.10
CA ASP C 47 27.96 -7.65 -3.32
C ASP C 47 26.75 -7.78 -4.24
N LEU C 48 26.20 -6.63 -4.64
CA LEU C 48 24.94 -6.57 -5.40
C LEU C 48 25.12 -6.36 -6.91
N SER C 49 26.37 -6.25 -7.36
CA SER C 49 26.65 -6.07 -8.80
C SER C 49 26.18 -7.28 -9.64
N HIS C 50 25.93 -7.05 -10.93
CA HIS C 50 25.42 -8.11 -11.81
C HIS C 50 26.33 -9.33 -11.85
N GLY C 51 25.74 -10.49 -11.56
CA GLY C 51 26.43 -11.77 -11.63
C GLY C 51 27.36 -12.09 -10.47
N SER C 52 27.30 -11.30 -9.40
CA SER C 52 28.09 -11.58 -8.21
C SER C 52 27.72 -12.96 -7.64
N ALA C 53 28.70 -13.62 -7.02
CA ALA C 53 28.49 -14.92 -6.37
C ALA C 53 27.34 -14.87 -5.35
N GLN C 54 27.27 -13.78 -4.60
CA GLN C 54 26.29 -13.65 -3.52
C GLN C 54 24.85 -13.45 -4.02
N VAL C 55 24.66 -12.63 -5.06
CA VAL C 55 23.33 -12.46 -5.64
C VAL C 55 22.88 -13.77 -6.31
N LYS C 56 23.81 -14.46 -6.97
CA LYS C 56 23.49 -15.75 -7.60
C LYS C 56 23.00 -16.75 -6.56
N ALA C 57 23.76 -16.88 -5.46
CA ALA C 57 23.41 -17.80 -4.37
C ALA C 57 22.10 -17.43 -3.66
N HIS C 58 21.94 -16.15 -3.35
CA HIS C 58 20.70 -15.72 -2.69
C HIS C 58 19.47 -15.85 -3.59
N GLY C 59 19.67 -15.55 -4.88
CA GLY C 59 18.65 -15.78 -5.90
C GLY C 59 18.20 -17.22 -5.98
N LYS C 60 19.13 -18.14 -5.72
CA LYS C 60 18.82 -19.57 -5.70
C LYS C 60 17.96 -19.93 -4.48
N LYS C 61 18.28 -19.32 -3.34
CA LYS C 61 17.47 -19.50 -2.13
C LYS C 61 16.04 -18.98 -2.29
N VAL C 62 15.88 -17.86 -2.99
CA VAL C 62 14.55 -17.27 -3.23
C VAL C 62 13.75 -18.09 -4.27
N GLY C 63 14.44 -18.54 -5.32
CA GLY C 63 13.84 -19.39 -6.34
C GLY C 63 13.39 -20.75 -5.82
N ASP C 64 14.21 -21.36 -4.98
CA ASP C 64 13.87 -22.63 -4.33
C ASP C 64 12.68 -22.53 -3.39
N ALA C 65 12.65 -21.47 -2.57
CA ALA C 65 11.52 -21.21 -1.69
C ALA C 65 10.19 -21.15 -2.44
N LEU C 66 10.17 -20.41 -3.56
CA LEU C 66 8.98 -20.25 -4.39
C LEU C 66 8.54 -21.57 -5.01
N THR C 67 9.52 -22.41 -5.33
CA THR C 67 9.30 -23.74 -5.91
C THR C 67 8.60 -24.66 -4.91
N LYS C 68 9.12 -24.64 -3.69
CA LYS C 68 8.54 -25.37 -2.56
C LYS C 68 7.15 -24.84 -2.24
N ALA C 69 6.96 -23.53 -2.36
CA ALA C 69 5.65 -22.91 -2.14
C ALA C 69 4.63 -23.38 -3.18
N ALA C 70 5.09 -23.60 -4.41
CA ALA C 70 4.23 -24.00 -5.53
C ALA C 70 3.61 -25.38 -5.39
N ASP C 71 4.31 -26.29 -4.70
CA ASP C 71 3.75 -27.60 -4.38
C ASP C 71 3.32 -27.72 -2.91
N HIS C 72 2.96 -26.57 -2.32
CA HIS C 72 2.38 -26.49 -0.98
C HIS C 72 1.27 -25.43 -0.95
N LEU C 73 0.46 -25.38 -2.01
CA LEU C 73 -0.54 -24.33 -2.19
C LEU C 73 -1.68 -24.38 -1.19
N ASP C 74 -1.92 -25.56 -0.62
CA ASP C 74 -2.96 -25.76 0.39
C ASP C 74 -2.48 -25.41 1.81
N ASP C 75 -1.16 -25.35 1.99
CA ASP C 75 -0.57 -25.17 3.32
C ASP C 75 0.63 -24.21 3.33
N LEU C 76 0.50 -23.06 2.66
CA LEU C 76 1.56 -22.04 2.64
C LEU C 76 1.96 -21.51 4.03
N PRO C 77 0.98 -21.26 4.92
CA PRO C 77 1.34 -20.82 6.28
C PRO C 77 2.30 -21.76 7.00
N SER C 78 2.09 -23.07 6.90
CA SER C 78 3.02 -24.06 7.47
C SER C 78 4.31 -24.19 6.67
N ALA C 79 4.19 -24.17 5.34
CA ALA C 79 5.35 -24.32 4.46
C ALA C 79 6.33 -23.15 4.56
N LEU C 80 5.80 -21.93 4.65
CA LEU C 80 6.62 -20.70 4.76
C LEU C 80 6.58 -20.15 6.18
N SER C 81 6.35 -21.05 7.15
CA SER C 81 6.27 -20.72 8.56
C SER C 81 7.52 -20.05 9.11
N ALA C 82 8.66 -20.69 8.88
CA ALA C 82 9.95 -20.21 9.40
C ALA C 82 10.48 -18.97 8.69
N LEU C 83 10.13 -18.83 7.41
CA LEU C 83 10.59 -17.70 6.59
C LEU C 83 9.87 -16.39 6.95
N SER C 84 8.57 -16.50 7.21
CA SER C 84 7.79 -15.39 7.74
C SER C 84 8.37 -14.90 9.07
N ASP C 85 8.77 -15.84 9.92
CA ASP C 85 9.43 -15.50 11.20
C ASP C 85 10.70 -14.70 10.95
N LEU C 86 11.53 -15.15 10.02
CA LEU C 86 12.82 -14.52 9.72
C LEU C 86 12.69 -13.08 9.21
N HIS C 87 11.84 -12.86 8.22
CA HIS C 87 11.69 -11.56 7.58
C HIS C 87 11.07 -10.48 8.46
N ALA C 88 10.20 -10.89 9.38
CA ALA C 88 9.55 -9.97 10.32
C ALA C 88 10.37 -9.79 11.58
N HIS C 89 10.51 -10.86 12.36
CA HIS C 89 11.18 -10.80 13.67
C HIS C 89 12.66 -10.44 13.58
N LYS C 90 13.38 -11.02 12.63
CA LYS C 90 14.83 -10.84 12.55
C LYS C 90 15.30 -9.74 11.60
N LEU C 91 14.72 -9.68 10.40
CA LEU C 91 15.17 -8.79 9.34
C LEU C 91 14.39 -7.48 9.26
N ARG C 92 13.23 -7.43 9.90
CA ARG C 92 12.36 -6.25 9.85
C ARG C 92 12.16 -5.75 8.43
N VAL C 93 11.81 -6.66 7.53
CA VAL C 93 11.52 -6.25 6.16
C VAL C 93 10.16 -5.59 6.13
N ASP C 94 10.17 -4.34 5.69
CA ASP C 94 9.00 -3.52 5.41
C ASP C 94 8.04 -4.26 4.45
N PRO C 95 6.75 -4.39 4.82
CA PRO C 95 5.75 -5.06 3.97
C PRO C 95 5.69 -4.62 2.51
N VAL C 96 5.97 -3.34 2.25
CA VAL C 96 5.93 -2.80 0.88
C VAL C 96 6.94 -3.53 -0.01
N ASN C 97 8.13 -3.78 0.53
CA ASN C 97 9.20 -4.37 -0.27
C ASN C 97 8.86 -5.72 -0.95
N PHE C 98 7.99 -6.51 -0.33
CA PHE C 98 7.51 -7.78 -0.89
C PHE C 98 6.70 -7.60 -2.17
N LYS C 99 5.96 -6.49 -2.25
CA LYS C 99 5.24 -6.13 -3.47
C LYS C 99 6.22 -5.84 -4.58
N LEU C 100 7.36 -5.28 -4.20
CA LEU C 100 8.35 -4.81 -5.15
C LEU C 100 9.11 -6.00 -5.75
N LEU C 101 9.50 -6.95 -4.89
CA LEU C 101 10.11 -8.19 -5.36
C LEU C 101 9.12 -9.03 -6.19
N SER C 102 7.86 -9.09 -5.76
CA SER C 102 6.83 -9.83 -6.49
C SER C 102 6.67 -9.28 -7.91
N HIS C 103 6.76 -7.96 -8.04
CA HIS C 103 6.68 -7.30 -9.33
C HIS C 103 7.87 -7.63 -10.22
N CYS C 104 9.06 -7.64 -9.62
CA CYS C 104 10.29 -7.90 -10.35
C CYS C 104 10.37 -9.35 -10.79
N LEU C 105 9.75 -10.24 -10.02
CA LEU C 105 9.58 -11.64 -10.43
C LEU C 105 8.63 -11.83 -11.66
N LEU C 106 7.50 -11.12 -11.68
CA LEU C 106 6.58 -11.17 -12.84
C LEU C 106 7.26 -10.63 -14.11
N VAL C 107 8.01 -9.54 -13.95
CA VAL C 107 8.82 -8.96 -15.04
C VAL C 107 9.83 -9.98 -15.57
N THR C 108 10.51 -10.66 -14.65
CA THR C 108 11.50 -11.67 -15.03
C THR C 108 10.84 -12.84 -15.77
N VAL C 109 9.71 -13.32 -15.26
CA VAL C 109 8.98 -14.40 -15.93
C VAL C 109 8.55 -13.95 -17.32
N ALA C 110 7.88 -12.80 -17.42
CA ALA C 110 7.45 -12.22 -18.71
C ALA C 110 8.58 -12.06 -19.74
N ALA C 111 9.77 -11.66 -19.26
CA ALA C 111 10.95 -11.42 -20.11
C ALA C 111 11.56 -12.71 -20.69
N HIS C 112 11.22 -13.85 -20.09
CA HIS C 112 11.75 -15.14 -20.51
C HIS C 112 10.70 -16.04 -21.15
N HIS C 113 9.42 -15.80 -20.85
CA HIS C 113 8.34 -16.61 -21.40
C HIS C 113 7.24 -15.76 -22.03
N PRO C 114 7.53 -15.15 -23.20
CA PRO C 114 6.61 -14.21 -23.83
C PRO C 114 5.30 -14.85 -24.31
N GLY C 115 5.37 -16.14 -24.66
CA GLY C 115 4.22 -16.87 -25.19
C GLY C 115 3.41 -17.56 -24.12
N ASP C 116 4.08 -17.94 -23.03
CA ASP C 116 3.42 -18.65 -21.92
C ASP C 116 2.74 -17.70 -20.92
N PHE C 117 3.28 -16.50 -20.77
CA PHE C 117 2.79 -15.51 -19.80
C PHE C 117 1.53 -14.81 -20.31
N THR C 118 0.44 -15.57 -20.41
CA THR C 118 -0.88 -15.06 -20.82
C THR C 118 -1.52 -14.21 -19.70
N PRO C 119 -2.52 -13.37 -20.06
CA PRO C 119 -3.22 -12.60 -19.02
C PRO C 119 -3.72 -13.44 -17.84
N SER C 120 -4.17 -14.68 -18.09
CA SER C 120 -4.61 -15.60 -17.03
C SER C 120 -3.44 -16.14 -16.20
N VAL C 121 -2.35 -16.49 -16.87
CA VAL C 121 -1.15 -16.98 -16.19
C VAL C 121 -0.62 -15.87 -15.30
N HIS C 122 -0.44 -14.69 -15.90
CA HIS C 122 -0.14 -13.48 -15.17
C HIS C 122 -1.01 -13.38 -13.89
N ALA C 123 -2.32 -13.44 -14.06
CA ALA C 123 -3.23 -13.26 -12.93
C ALA C 123 -2.99 -14.23 -11.77
N SER C 124 -2.78 -15.51 -12.10
CA SER C 124 -2.63 -16.57 -11.10
C SER C 124 -1.30 -16.48 -10.36
N LEU C 125 -0.25 -16.11 -11.08
CA LEU C 125 1.09 -15.96 -10.50
C LEU C 125 1.15 -14.74 -9.56
N ASP C 126 0.38 -13.71 -9.90
CA ASP C 126 0.24 -12.54 -9.05
C ASP C 126 -0.41 -12.93 -7.72
N LYS C 127 -1.55 -13.64 -7.81
CA LYS C 127 -2.26 -14.15 -6.62
C LYS C 127 -1.39 -15.10 -5.79
N PHE C 128 -0.54 -15.87 -6.47
CA PHE C 128 0.37 -16.81 -5.80
C PHE C 128 1.43 -16.04 -5.02
N LEU C 129 2.05 -15.08 -5.69
CA LEU C 129 3.04 -14.22 -5.04
C LEU C 129 2.41 -13.34 -3.96
N ALA C 130 1.15 -12.94 -4.17
CA ALA C 130 0.40 -12.20 -3.16
C ALA C 130 0.20 -13.06 -1.91
N ASN C 131 -0.27 -14.29 -2.09
CA ASN C 131 -0.40 -15.22 -0.98
C ASN C 131 0.92 -15.47 -0.25
N VAL C 132 2.00 -15.70 -1.00
CA VAL C 132 3.34 -15.88 -0.45
C VAL C 132 3.73 -14.67 0.41
N SER C 133 3.59 -13.47 -0.16
CA SER C 133 3.91 -12.22 0.54
C SER C 133 3.09 -12.03 1.82
N THR C 134 1.81 -12.40 1.80
CA THR C 134 0.97 -12.29 2.99
C THR C 134 1.47 -13.17 4.13
N VAL C 135 1.83 -14.42 3.80
CA VAL C 135 2.40 -15.34 4.79
C VAL C 135 3.72 -14.78 5.31
N LEU C 136 4.56 -14.28 4.40
CA LEU C 136 5.85 -13.69 4.79
C LEU C 136 5.72 -12.39 5.61
N THR C 137 4.53 -11.78 5.58
CA THR C 137 4.23 -10.63 6.42
C THR C 137 3.39 -11.00 7.66
N SER C 138 2.93 -12.25 7.71
CA SER C 138 1.99 -12.76 8.74
C SER C 138 2.30 -12.40 10.19
N LYS C 139 3.59 -12.35 10.51
CA LYS C 139 4.04 -12.16 11.89
C LYS C 139 4.08 -10.69 12.36
N TYR C 140 3.63 -9.77 11.50
CA TYR C 140 3.36 -8.40 11.91
C TYR C 140 1.91 -8.25 12.42
N ARG C 141 1.11 -9.28 12.20
CA ARG C 141 -0.28 -9.28 12.66
C ARG C 141 -0.68 -10.60 13.33
N VAL D 1 11.28 13.79 -12.46
CA VAL D 1 12.11 12.54 -12.38
C VAL D 1 13.58 12.82 -12.74
N HIS D 2 14.50 12.09 -12.13
CA HIS D 2 15.92 12.23 -12.47
C HIS D 2 16.44 11.08 -13.32
N LEU D 3 16.55 11.33 -14.62
CA LEU D 3 17.09 10.35 -15.56
C LEU D 3 18.37 10.90 -16.19
N SER D 4 19.42 10.10 -16.20
CA SER D 4 20.67 10.49 -16.86
C SER D 4 20.50 10.49 -18.38
N GLY D 5 21.48 11.04 -19.09
CA GLY D 5 21.46 11.10 -20.56
C GLY D 5 21.36 9.74 -21.21
N ASP D 6 22.15 8.79 -20.71
CA ASP D 6 22.08 7.40 -21.14
C ASP D 6 20.69 6.80 -20.91
N GLU D 7 20.11 7.05 -19.74
CA GLU D 7 18.77 6.59 -19.40
C GLU D 7 17.69 7.21 -20.29
N LYS D 8 17.85 8.49 -20.64
CA LYS D 8 16.93 9.17 -21.55
C LYS D 8 17.01 8.57 -22.96
N ASN D 9 18.23 8.39 -23.47
CA ASN D 9 18.46 7.75 -24.76
C ASN D 9 17.87 6.34 -24.84
N ALA D 10 18.07 5.56 -23.78
CA ALA D 10 17.57 4.18 -23.72
C ALA D 10 16.03 4.08 -23.61
N VAL D 11 15.40 5.01 -22.89
CA VAL D 11 13.93 4.95 -22.77
C VAL D 11 13.22 5.36 -24.06
N HIS D 12 13.70 6.45 -24.67
CA HIS D 12 13.17 6.97 -25.94
C HIS D 12 13.43 6.00 -27.08
N GLY D 13 14.58 5.34 -27.04
CA GLY D 13 14.95 4.32 -28.02
C GLY D 13 14.10 3.07 -27.96
N LEU D 14 13.73 2.65 -26.76
CA LEU D 14 12.82 1.50 -26.61
C LEU D 14 11.39 1.85 -26.99
N TRP D 15 11.00 3.09 -26.74
CA TRP D 15 9.62 3.56 -26.94
C TRP D 15 9.22 3.69 -28.40
N SER D 16 10.17 4.06 -29.26
CA SER D 16 9.91 4.08 -30.70
C SER D 16 9.70 2.68 -31.29
N LYS D 17 10.16 1.65 -30.58
CA LYS D 17 9.89 0.25 -30.96
C LYS D 17 8.54 -0.26 -30.44
N VAL D 18 7.95 0.46 -29.48
CA VAL D 18 6.66 0.08 -28.87
C VAL D 18 5.57 0.09 -29.95
N LYS D 19 4.78 -0.99 -30.02
CA LYS D 19 3.64 -1.05 -30.93
C LYS D 19 2.49 -0.28 -30.30
N VAL D 20 2.24 0.91 -30.86
CA VAL D 20 1.32 1.90 -30.30
C VAL D 20 -0.12 1.40 -30.08
N ASP D 21 -0.64 0.64 -31.05
CA ASP D 21 -2.03 0.16 -31.00
C ASP D 21 -2.20 -1.17 -30.26
N GLU D 22 -1.13 -1.69 -29.66
CA GLU D 22 -1.14 -3.03 -29.11
C GLU D 22 -0.82 -3.06 -27.60
N VAL D 23 0.27 -2.37 -27.22
CA VAL D 23 0.85 -2.41 -25.88
C VAL D 23 -0.03 -1.75 -24.81
N GLY D 24 -0.66 -0.63 -25.17
CA GLY D 24 -1.59 0.08 -24.29
C GLY D 24 -2.81 -0.76 -23.95
N GLY D 25 -3.38 -1.38 -24.98
CA GLY D 25 -4.56 -2.22 -24.83
C GLY D 25 -4.28 -3.51 -24.08
N GLU D 26 -3.07 -4.04 -24.23
CA GLU D 26 -2.67 -5.21 -23.48
C GLU D 26 -2.45 -4.86 -22.00
N ALA D 27 -1.85 -3.69 -21.73
CA ALA D 27 -1.59 -3.25 -20.37
C ALA D 27 -2.86 -2.88 -19.58
N LEU D 28 -3.81 -2.21 -20.24
CA LEU D 28 -5.12 -1.94 -19.62
C LEU D 28 -5.87 -3.24 -19.37
N GLY D 29 -5.94 -4.10 -20.39
CA GLY D 29 -6.57 -5.41 -20.28
C GLY D 29 -5.99 -6.23 -19.14
N ARG D 30 -4.66 -6.30 -19.09
CA ARG D 30 -4.00 -7.01 -18.00
C ARG D 30 -4.32 -6.43 -16.59
N LEU D 31 -4.34 -5.11 -16.45
CA LEU D 31 -4.70 -4.45 -15.17
C LEU D 31 -6.11 -4.83 -14.74
N LEU D 32 -7.03 -4.84 -15.70
CA LEU D 32 -8.43 -5.21 -15.45
C LEU D 32 -8.59 -6.70 -15.11
N VAL D 33 -7.75 -7.54 -15.71
CA VAL D 33 -7.77 -8.99 -15.45
C VAL D 33 -7.21 -9.29 -14.06
N VAL D 34 -6.03 -8.75 -13.78
CA VAL D 34 -5.25 -9.10 -12.59
C VAL D 34 -5.77 -8.45 -11.30
N TYR D 35 -6.29 -7.24 -11.43
CA TYR D 35 -6.83 -6.51 -10.27
C TYR D 35 -8.31 -6.19 -10.50
N PRO D 36 -9.19 -7.16 -10.20
CA PRO D 36 -10.61 -7.15 -10.60
C PRO D 36 -11.41 -5.94 -10.14
N TRP D 37 -10.94 -5.23 -9.11
CA TRP D 37 -11.65 -4.06 -8.58
C TRP D 37 -11.54 -2.83 -9.50
N THR D 38 -10.51 -2.83 -10.35
CA THR D 38 -10.33 -1.73 -11.28
C THR D 38 -11.45 -1.69 -12.31
N ARG D 39 -12.13 -2.82 -12.50
CA ARG D 39 -13.26 -2.92 -13.45
C ARG D 39 -14.44 -2.01 -13.09
N ARG D 40 -14.50 -1.55 -11.83
CA ARG D 40 -15.61 -0.68 -11.40
C ARG D 40 -15.63 0.68 -12.12
N PHE D 41 -14.48 1.11 -12.62
CA PHE D 41 -14.38 2.42 -13.30
C PHE D 41 -14.74 2.38 -14.79
N PHE D 42 -15.03 1.18 -15.29
CA PHE D 42 -15.21 0.96 -16.73
C PHE D 42 -16.51 0.20 -16.99
N GLU D 43 -17.58 0.66 -16.34
CA GLU D 43 -18.92 0.06 -16.41
C GLU D 43 -19.41 -0.02 -17.87
N SER D 44 -19.15 1.05 -18.63
CA SER D 44 -19.61 1.17 -20.02
C SER D 44 -18.99 0.15 -21.00
N PHE D 45 -17.83 -0.40 -20.63
CA PHE D 45 -17.06 -1.32 -21.48
C PHE D 45 -17.69 -2.71 -21.64
N GLY D 46 -18.84 -2.91 -21.01
CA GLY D 46 -19.55 -4.18 -21.03
C GLY D 46 -18.76 -5.27 -20.34
N ASP D 47 -18.65 -6.41 -21.01
CA ASP D 47 -18.18 -7.64 -20.38
C ASP D 47 -16.68 -7.63 -20.07
N LEU D 48 -16.35 -7.65 -18.79
CA LEU D 48 -14.96 -7.68 -18.34
C LEU D 48 -14.76 -8.80 -17.32
N SER D 49 -15.58 -9.85 -17.44
CA SER D 49 -15.70 -10.90 -16.42
C SER D 49 -14.71 -12.05 -16.57
N THR D 50 -14.15 -12.21 -17.77
CA THR D 50 -13.13 -13.21 -18.04
C THR D 50 -11.94 -12.55 -18.73
N ALA D 51 -10.79 -13.23 -18.77
CA ALA D 51 -9.62 -12.73 -19.49
C ALA D 51 -9.89 -12.65 -20.99
N ASP D 52 -10.56 -13.67 -21.51
CA ASP D 52 -10.91 -13.71 -22.92
C ASP D 52 -11.84 -12.55 -23.28
N ALA D 53 -12.80 -12.24 -22.39
CA ALA D 53 -13.68 -11.09 -22.59
C ALA D 53 -12.92 -9.76 -22.58
N VAL D 54 -12.08 -9.56 -21.57
CA VAL D 54 -11.24 -8.37 -21.46
C VAL D 54 -10.28 -8.19 -22.64
N MET D 55 -9.59 -9.27 -23.02
CA MET D 55 -8.53 -9.20 -24.03
C MET D 55 -9.05 -9.09 -25.47
N ASN D 56 -10.33 -9.41 -25.66
CA ASN D 56 -11.00 -9.27 -26.98
C ASN D 56 -12.08 -8.17 -26.98
N ASN D 57 -11.84 -7.16 -26.15
CA ASN D 57 -12.77 -6.06 -25.94
C ASN D 57 -12.25 -4.80 -26.64
N PRO D 58 -12.92 -4.38 -27.72
CA PRO D 58 -12.53 -3.21 -28.52
C PRO D 58 -12.50 -1.88 -27.76
N LYS D 59 -13.32 -1.71 -26.74
CA LYS D 59 -13.26 -0.49 -25.91
C LYS D 59 -12.01 -0.48 -25.01
N VAL D 60 -11.65 -1.65 -24.48
CA VAL D 60 -10.43 -1.82 -23.70
C VAL D 60 -9.22 -1.50 -24.58
N LYS D 61 -9.23 -2.01 -25.81
CA LYS D 61 -8.17 -1.75 -26.80
C LYS D 61 -8.04 -0.26 -27.15
N ALA D 62 -9.15 0.40 -27.50
CA ALA D 62 -9.14 1.83 -27.83
C ALA D 62 -8.70 2.70 -26.65
N HIS D 63 -9.23 2.42 -25.47
CA HIS D 63 -8.82 3.19 -24.29
C HIS D 63 -7.37 2.94 -23.89
N GLY D 64 -6.91 1.69 -24.00
CA GLY D 64 -5.50 1.37 -23.76
C GLY D 64 -4.58 2.23 -24.61
N SER D 65 -4.88 2.31 -25.89
CA SER D 65 -4.14 3.14 -26.85
C SER D 65 -4.00 4.61 -26.43
N LYS D 66 -5.11 5.24 -26.01
CA LYS D 66 -5.08 6.62 -25.48
C LYS D 66 -4.22 6.74 -24.22
N VAL D 67 -4.21 5.70 -23.40
CA VAL D 67 -3.42 5.67 -22.16
C VAL D 67 -1.93 5.55 -22.47
N LEU D 68 -1.60 4.79 -23.51
CA LEU D 68 -0.20 4.64 -23.96
C LEU D 68 0.32 5.94 -24.59
N ASN D 69 -0.55 6.65 -25.32
CA ASN D 69 -0.21 7.99 -25.84
C ASN D 69 0.00 9.04 -24.75
N SER D 70 -0.72 8.89 -23.63
CA SER D 70 -0.55 9.76 -22.46
C SER D 70 0.79 9.48 -21.75
N PHE D 71 1.21 8.22 -21.70
CA PHE D 71 2.55 7.89 -21.22
C PHE D 71 3.61 8.55 -22.11
N GLY D 72 3.42 8.45 -23.42
CA GLY D 72 4.33 9.04 -24.41
C GLY D 72 4.48 10.54 -24.24
N ASP D 73 3.36 11.20 -23.96
CA ASP D 73 3.33 12.64 -23.65
C ASP D 73 4.27 12.97 -22.50
N GLY D 74 4.25 12.13 -21.46
CA GLY D 74 5.12 12.30 -20.30
C GLY D 74 6.60 12.12 -20.64
N LEU D 75 6.88 11.18 -21.52
CA LEU D 75 8.25 10.94 -22.03
C LEU D 75 8.77 12.15 -22.79
N ASN D 76 7.87 12.87 -23.45
CA ASN D 76 8.24 14.12 -24.13
C ASN D 76 8.41 15.31 -23.19
N HIS D 77 8.01 15.15 -21.92
CA HIS D 77 8.05 16.26 -20.97
C HIS D 77 8.48 15.83 -19.58
N LEU D 78 9.55 15.03 -19.53
CA LEU D 78 10.03 14.44 -18.27
C LEU D 78 10.41 15.44 -17.19
N ASP D 79 10.72 16.67 -17.60
CA ASP D 79 11.02 17.75 -16.67
C ASP D 79 9.78 18.41 -16.09
N ASN D 80 8.63 18.17 -16.72
CA ASN D 80 7.37 18.80 -16.33
C ASN D 80 6.17 17.84 -16.40
N LEU D 81 6.25 16.74 -15.65
CA LEU D 81 5.13 15.81 -15.55
C LEU D 81 3.93 16.46 -14.88
N LYS D 82 4.16 17.24 -13.81
CA LYS D 82 3.09 17.93 -13.08
C LYS D 82 2.16 18.68 -14.01
N GLY D 83 2.76 19.53 -14.85
CA GLY D 83 2.02 20.35 -15.81
C GLY D 83 1.38 19.54 -16.91
N THR D 84 2.06 18.46 -17.33
CA THR D 84 1.56 17.56 -18.37
C THR D 84 0.27 16.84 -17.97
N TYR D 85 0.23 16.34 -16.73
CA TYR D 85 -0.89 15.52 -16.25
C TYR D 85 -1.89 16.27 -15.35
N ALA D 86 -1.73 17.60 -15.23
CA ALA D 86 -2.56 18.44 -14.38
C ALA D 86 -4.08 18.28 -14.60
N LYS D 87 -4.50 18.35 -15.87
CA LYS D 87 -5.90 18.15 -16.25
C LYS D 87 -6.36 16.72 -16.00
N LEU D 88 -5.51 15.74 -16.32
CA LEU D 88 -5.87 14.32 -16.14
C LEU D 88 -5.92 13.98 -14.67
N SER D 89 -5.11 14.68 -13.88
CA SER D 89 -5.11 14.59 -12.43
C SER D 89 -6.50 14.95 -11.91
N GLU D 90 -7.06 16.06 -12.37
CA GLU D 90 -8.39 16.44 -11.92
C GLU D 90 -9.47 15.45 -12.38
N LEU D 91 -9.31 14.91 -13.60
CA LEU D 91 -10.24 13.89 -14.12
C LEU D 91 -10.24 12.63 -13.24
N HIS D 92 -9.05 12.09 -12.99
CA HIS D 92 -8.89 10.84 -12.26
C HIS D 92 -9.18 10.99 -10.77
N CYS D 93 -8.90 12.17 -10.23
CA CYS D 93 -9.05 12.42 -8.82
C CYS D 93 -10.42 13.01 -8.48
N ASP D 94 -10.76 14.13 -9.10
CA ASP D 94 -11.99 14.87 -8.76
C ASP D 94 -13.27 14.31 -9.37
N LYS D 95 -13.17 13.75 -10.57
CA LYS D 95 -14.35 13.21 -11.27
C LYS D 95 -14.57 11.73 -11.01
N LEU D 96 -13.54 10.93 -11.25
CA LEU D 96 -13.65 9.47 -11.16
C LEU D 96 -13.34 8.93 -9.76
N HIS D 97 -12.49 9.64 -9.01
CA HIS D 97 -12.07 9.22 -7.67
C HIS D 97 -11.39 7.85 -7.69
N VAL D 98 -10.42 7.72 -8.59
CA VAL D 98 -9.57 6.53 -8.64
C VAL D 98 -8.51 6.67 -7.54
N ASP D 99 -8.40 5.67 -6.69
CA ASP D 99 -7.36 5.69 -5.67
C ASP D 99 -5.99 5.62 -6.37
N PRO D 100 -5.11 6.58 -6.02
CA PRO D 100 -3.77 6.81 -6.57
C PRO D 100 -2.84 5.58 -6.59
N GLU D 101 -3.08 4.61 -5.70
CA GLU D 101 -2.33 3.34 -5.71
C GLU D 101 -2.50 2.60 -7.05
N ASN D 102 -3.68 2.73 -7.65
CA ASN D 102 -3.97 2.13 -8.95
C ASN D 102 -3.16 2.73 -10.10
N PHE D 103 -2.68 3.97 -9.94
CA PHE D 103 -1.80 4.61 -10.93
C PHE D 103 -0.43 3.92 -10.91
N ARG D 104 0.06 3.60 -9.71
CA ARG D 104 1.29 2.84 -9.56
C ARG D 104 1.15 1.42 -10.12
N LEU D 105 0.01 0.77 -9.84
CA LEU D 105 -0.22 -0.60 -10.28
C LEU D 105 -0.25 -0.72 -11.81
N LEU D 106 -0.92 0.23 -12.47
CA LEU D 106 -0.98 0.28 -13.93
C LEU D 106 0.37 0.61 -14.56
N GLY D 107 1.12 1.49 -13.92
CA GLY D 107 2.48 1.79 -14.32
C GLY D 107 3.37 0.56 -14.28
N ASN D 108 3.22 -0.26 -13.23
CA ASN D 108 3.96 -1.52 -13.13
C ASN D 108 3.47 -2.60 -14.09
N VAL D 109 2.20 -2.56 -14.46
CA VAL D 109 1.66 -3.46 -15.50
C VAL D 109 2.26 -3.14 -16.87
N LEU D 110 2.40 -1.86 -17.19
CA LEU D 110 3.07 -1.42 -18.39
C LEU D 110 4.51 -1.92 -18.42
N VAL D 111 5.23 -1.78 -17.31
CA VAL D 111 6.58 -2.34 -17.18
C VAL D 111 6.61 -3.87 -17.47
N VAL D 112 5.62 -4.61 -16.97
CA VAL D 112 5.50 -6.04 -17.21
C VAL D 112 5.25 -6.34 -18.69
N VAL D 113 4.34 -5.59 -19.32
CA VAL D 113 4.03 -5.76 -20.75
C VAL D 113 5.24 -5.47 -21.64
N LEU D 114 6.00 -4.44 -21.30
CA LEU D 114 7.24 -4.09 -22.03
C LEU D 114 8.29 -5.21 -21.94
N ALA D 115 8.49 -5.75 -20.75
CA ALA D 115 9.34 -6.94 -20.53
C ALA D 115 8.92 -8.08 -21.45
N ARG D 116 7.61 -8.34 -21.47
CA ARG D 116 7.03 -9.41 -22.26
C ARG D 116 7.30 -9.22 -23.75
N HIS D 117 7.23 -7.97 -24.21
CA HIS D 117 7.39 -7.62 -25.61
C HIS D 117 8.85 -7.55 -26.07
N PHE D 118 9.75 -7.20 -25.14
CA PHE D 118 11.14 -6.94 -25.50
C PHE D 118 12.20 -7.94 -25.03
N GLY D 119 11.78 -8.88 -24.18
CA GLY D 119 12.65 -9.98 -23.78
C GLY D 119 13.85 -9.52 -23.00
N LYS D 120 15.04 -9.94 -23.43
CA LYS D 120 16.29 -9.57 -22.77
C LYS D 120 16.77 -8.16 -23.15
N GLU D 121 16.14 -7.56 -24.15
CA GLU D 121 16.37 -6.14 -24.46
C GLU D 121 15.89 -5.25 -23.30
N PHE D 122 14.88 -5.73 -22.57
CA PHE D 122 14.35 -5.04 -21.40
C PHE D 122 15.18 -5.44 -20.18
N THR D 123 16.43 -4.98 -20.17
CA THR D 123 17.43 -5.29 -19.16
C THR D 123 17.05 -4.72 -17.76
N PRO D 124 17.71 -5.23 -16.70
CA PRO D 124 17.59 -4.62 -15.38
C PRO D 124 17.83 -3.09 -15.37
N ASP D 125 18.83 -2.62 -16.11
CA ASP D 125 19.14 -1.18 -16.22
C ASP D 125 18.02 -0.35 -16.86
N LEU D 126 17.45 -0.89 -17.94
CA LEU D 126 16.40 -0.21 -18.69
C LEU D 126 15.09 -0.18 -17.93
N GLN D 127 14.73 -1.31 -17.30
CA GLN D 127 13.55 -1.38 -16.45
C GLN D 127 13.62 -0.31 -15.35
N ALA D 128 14.81 -0.13 -14.77
CA ALA D 128 15.08 0.84 -13.70
C ALA D 128 14.86 2.28 -14.12
N ALA D 129 15.12 2.60 -15.39
CA ALA D 129 14.76 3.89 -15.94
C ALA D 129 13.23 4.03 -16.16
N TYR D 130 12.59 2.97 -16.68
CA TYR D 130 11.12 2.99 -16.79
C TYR D 130 10.41 3.02 -15.43
N GLN D 131 11.03 2.46 -14.39
CA GLN D 131 10.52 2.59 -13.02
C GLN D 131 10.51 4.03 -12.54
N LYS D 132 11.49 4.82 -12.97
CA LYS D 132 11.54 6.25 -12.66
C LYS D 132 10.45 6.99 -13.43
N VAL D 133 10.30 6.66 -14.71
CA VAL D 133 9.25 7.28 -15.51
C VAL D 133 7.88 6.95 -14.93
N VAL D 134 7.63 5.67 -14.70
CA VAL D 134 6.35 5.18 -14.21
C VAL D 134 5.97 5.74 -12.83
N ALA D 135 6.96 5.87 -11.93
CA ALA D 135 6.70 6.52 -10.64
C ALA D 135 6.31 8.00 -10.82
N GLY D 136 6.95 8.68 -11.77
CA GLY D 136 6.72 10.10 -11.98
C GLY D 136 5.36 10.37 -12.58
N VAL D 137 4.94 9.50 -13.51
CA VAL D 137 3.62 9.60 -14.12
C VAL D 137 2.54 9.41 -13.05
N ALA D 138 2.69 8.39 -12.21
CA ALA D 138 1.78 8.10 -11.10
C ALA D 138 1.65 9.27 -10.11
N ASN D 139 2.79 9.76 -9.64
CA ASN D 139 2.81 10.89 -8.70
C ASN D 139 2.25 12.19 -9.29
N ALA D 140 2.48 12.40 -10.58
CA ALA D 140 1.94 13.59 -11.27
C ALA D 140 0.42 13.52 -11.46
N LEU D 141 -0.11 12.31 -11.70
CA LEU D 141 -1.55 12.13 -11.82
C LEU D 141 -2.25 12.19 -10.48
N ALA D 142 -1.48 11.97 -9.41
CA ALA D 142 -1.98 11.99 -8.04
C ALA D 142 -1.87 13.38 -7.39
N HIS D 143 -1.37 14.36 -8.15
CA HIS D 143 -1.09 15.68 -7.55
C HIS D 143 -2.31 16.31 -6.88
N ARG D 144 -3.50 16.06 -7.44
CA ARG D 144 -4.77 16.56 -6.89
C ARG D 144 -5.13 16.02 -5.49
N TYR D 145 -4.44 14.98 -5.04
CA TYR D 145 -4.57 14.44 -3.68
C TYR D 145 -3.42 14.91 -2.79
N HIS D 146 -2.52 15.72 -3.37
CA HIS D 146 -1.18 15.95 -2.84
C HIS D 146 -0.33 14.67 -2.97
#